data_4DM4
#
_entry.id   4DM4
#
_cell.length_a   90.938
_cell.length_b   96.893
_cell.length_c   114.029
_cell.angle_alpha   90.00
_cell.angle_beta   90.00
_cell.angle_gamma   90.00
#
_symmetry.space_group_name_H-M   'I 2 2 2'
#
loop_
_entity.id
_entity.type
_entity.pdbx_description
1 polymer 'Cell division control protein 73'
2 water water
#
_entity_poly.entity_id   1
_entity_poly.type   'polypeptide(L)'
_entity_poly.pdbx_seq_one_letter_code
;RKDPIILIPSAASSILTVANIKQFLLESKYVNPRNLPSVPNGLVNIEKNFERISRPIRFIIVDNTRMFTKPEYWDRVVAI
FTTGHTWQFNNYQWNSPQELFQRCKGYYFHFAGDSVPQHVQQWNVEKVELDKNKRFKDVEVVRYFWHSLEKELISRGYRL
EHHHHHH
;
_entity_poly.pdbx_strand_id   A,B
#
# COMPACT_ATOMS: atom_id res chain seq x y z
N ARG A 1 8.30 -4.54 -16.28
CA ARG A 1 8.31 -5.67 -15.30
C ARG A 1 7.71 -5.27 -13.94
N LYS A 2 7.35 -6.28 -13.17
CA LYS A 2 6.60 -6.10 -11.92
C LYS A 2 7.36 -5.39 -10.80
N ASP A 3 6.59 -4.80 -9.88
CA ASP A 3 7.14 -4.10 -8.71
C ASP A 3 7.83 -5.07 -7.73
N PRO A 4 9.02 -4.68 -7.24
CA PRO A 4 9.69 -5.47 -6.22
C PRO A 4 9.02 -5.32 -4.87
N ILE A 5 9.19 -6.34 -4.04
CA ILE A 5 8.54 -6.44 -2.73
C ILE A 5 9.57 -6.33 -1.60
N ILE A 6 9.28 -5.55 -0.57
CA ILE A 6 10.08 -5.60 0.68
C ILE A 6 9.23 -6.17 1.83
N LEU A 7 9.73 -7.22 2.47
CA LEU A 7 9.07 -7.80 3.64
C LEU A 7 9.66 -7.23 4.92
N ILE A 8 8.80 -6.75 5.80
CA ILE A 8 9.23 -6.17 7.09
C ILE A 8 8.43 -6.80 8.24
N PRO A 9 8.87 -6.60 9.50
CA PRO A 9 8.18 -7.28 10.61
C PRO A 9 6.80 -6.69 10.94
N SER A 10 5.89 -7.52 11.46
CA SER A 10 4.54 -7.09 11.85
C SER A 10 4.39 -6.65 13.31
N ALA A 11 5.11 -7.31 14.21
CA ALA A 11 5.09 -6.95 15.63
C ALA A 11 5.26 -5.43 15.78
N ALA A 12 4.30 -4.79 16.43
CA ALA A 12 4.26 -3.32 16.48
C ALA A 12 5.43 -2.72 17.29
N SER A 13 6.14 -3.59 18.01
CA SER A 13 7.32 -3.22 18.79
C SER A 13 8.56 -3.08 17.91
N SER A 14 8.63 -3.88 16.84
CA SER A 14 9.76 -3.88 15.90
C SER A 14 10.24 -2.46 15.60
N ILE A 15 11.56 -2.31 15.48
CA ILE A 15 12.19 -1.00 15.26
C ILE A 15 11.51 -0.26 14.10
N LEU A 16 11.32 -0.98 13.00
CA LEU A 16 10.65 -0.47 11.82
C LEU A 16 9.41 -1.31 11.55
N THR A 17 8.31 -0.64 11.27
CA THR A 17 7.02 -1.26 11.01
C THR A 17 6.40 -0.51 9.82
N VAL A 18 5.24 -0.97 9.35
CA VAL A 18 4.54 -0.30 8.25
C VAL A 18 4.16 1.15 8.65
N ALA A 19 4.07 1.40 9.97
CA ALA A 19 3.73 2.72 10.51
C ALA A 19 4.82 3.78 10.31
N ASN A 20 6.09 3.40 10.45
CA ASN A 20 7.18 4.37 10.36
C ASN A 20 8.14 4.19 9.19
N ILE A 21 7.87 3.19 8.34
CA ILE A 21 8.79 2.84 7.25
C ILE A 21 8.97 3.92 6.18
N LYS A 22 7.87 4.57 5.82
CA LYS A 22 7.91 5.57 4.77
C LYS A 22 8.65 6.81 5.25
N GLN A 23 8.42 7.20 6.51
CA GLN A 23 9.12 8.34 7.10
C GLN A 23 10.62 8.05 7.16
N PHE A 24 10.97 6.81 7.48
CA PHE A 24 12.36 6.43 7.58
C PHE A 24 13.03 6.38 6.21
N LEU A 25 12.46 5.59 5.30
CA LEU A 25 13.08 5.38 3.98
C LEU A 25 13.02 6.59 3.05
N LEU A 26 11.94 7.37 3.13
CA LEU A 26 11.78 8.52 2.23
C LEU A 26 12.13 9.87 2.85
N GLU A 27 11.74 10.10 4.10
CA GLU A 27 12.00 11.42 4.74
C GLU A 27 13.34 11.46 5.46
N SER A 28 13.93 10.29 5.67
CA SER A 28 15.21 10.15 6.36
C SER A 28 15.09 10.51 7.85
N LYS A 29 14.02 10.03 8.48
CA LYS A 29 13.86 10.18 9.93
C LYS A 29 13.28 8.94 10.59
N TYR A 30 13.99 8.42 11.57
CA TYR A 30 13.41 7.40 12.42
C TYR A 30 12.37 8.02 13.34
N VAL A 31 11.19 7.42 13.37
CA VAL A 31 10.11 7.82 14.28
C VAL A 31 9.69 6.60 15.09
N ASN A 32 9.81 6.68 16.41
CA ASN A 32 9.39 5.61 17.31
C ASN A 32 7.92 5.22 17.04
N PRO A 33 7.64 3.92 16.84
CA PRO A 33 6.30 3.43 16.48
C PRO A 33 5.22 3.77 17.51
N ARG A 34 5.60 3.94 18.77
CA ARG A 34 4.67 4.26 19.86
C ARG A 34 3.96 5.60 19.65
N ASN A 35 4.66 6.53 19.00
CA ASN A 35 4.12 7.87 18.71
C ASN A 35 3.25 7.90 17.45
N LEU A 36 2.91 6.73 16.91
CA LEU A 36 2.15 6.63 15.67
C LEU A 36 0.97 5.67 15.80
N PRO A 37 -0.05 5.82 14.93
CA PRO A 37 -1.10 4.81 14.92
C PRO A 37 -0.57 3.47 14.43
N SER A 38 -1.32 2.40 14.68
CA SER A 38 -1.00 1.11 14.07
C SER A 38 -1.64 1.07 12.68
N VAL A 39 -1.04 0.32 11.78
CA VAL A 39 -1.57 0.18 10.42
C VAL A 39 -2.06 -1.26 10.23
N PRO A 40 -3.38 -1.48 10.39
CA PRO A 40 -3.99 -2.82 10.36
C PRO A 40 -3.75 -3.60 9.07
N ASN A 41 -3.75 -2.92 7.93
CA ASN A 41 -3.65 -3.59 6.63
C ASN A 41 -2.22 -4.04 6.28
N GLY A 42 -1.24 -3.53 7.03
CA GLY A 42 0.15 -3.96 6.89
C GLY A 42 0.73 -3.84 5.48
N LEU A 43 0.30 -2.82 4.76
CA LEU A 43 0.76 -2.56 3.39
C LEU A 43 0.95 -1.07 3.15
N VAL A 44 2.10 -0.71 2.58
CA VAL A 44 2.31 0.65 2.09
C VAL A 44 3.12 0.56 0.79
N ASN A 45 2.81 1.43 -0.17
CA ASN A 45 3.61 1.54 -1.38
C ASN A 45 4.49 2.76 -1.28
N ILE A 46 5.74 2.62 -1.74
CA ILE A 46 6.61 3.78 -1.89
C ILE A 46 7.31 3.76 -3.24
N GLU A 47 7.76 4.93 -3.67
CA GLU A 47 8.48 5.07 -4.92
C GLU A 47 9.86 5.68 -4.64
N LYS A 48 10.89 5.15 -5.31
CA LYS A 48 12.25 5.66 -5.12
C LYS A 48 12.99 5.87 -6.44
N ASN A 49 13.58 7.06 -6.57
CA ASN A 49 14.46 7.36 -7.70
C ASN A 49 15.92 7.11 -7.35
N PHE A 50 16.55 6.21 -8.10
CA PHE A 50 17.95 5.87 -7.86
C PHE A 50 18.85 6.65 -8.81
N GLU A 51 20.10 6.88 -8.38
CA GLU A 51 21.09 7.55 -9.22
C GLU A 51 21.37 6.74 -10.48
N ARG A 52 21.63 5.44 -10.29
CA ARG A 52 22.08 4.57 -11.38
C ARG A 52 20.92 3.90 -12.13
N ILE A 53 19.69 4.09 -11.65
CA ILE A 53 18.52 3.53 -12.33
C ILE A 53 17.64 4.63 -12.93
N SER A 54 17.26 4.44 -14.19
CA SER A 54 16.61 5.46 -15.01
C SER A 54 15.18 5.81 -14.55
N ARG A 55 14.33 4.79 -14.45
CA ARG A 55 12.93 4.95 -14.07
C ARG A 55 12.77 4.80 -12.54
N PRO A 56 11.82 5.54 -11.95
CA PRO A 56 11.56 5.32 -10.52
C PRO A 56 11.03 3.91 -10.25
N ILE A 57 11.52 3.31 -9.17
CA ILE A 57 11.08 1.98 -8.78
C ILE A 57 9.98 2.08 -7.73
N ARG A 58 8.90 1.34 -7.96
CA ARG A 58 7.77 1.28 -7.04
C ARG A 58 7.90 0.02 -6.20
N PHE A 59 7.97 0.20 -4.89
CA PHE A 59 8.08 -0.88 -3.95
C PHE A 59 6.75 -1.18 -3.29
N ILE A 60 6.48 -2.47 -3.15
CA ILE A 60 5.40 -2.95 -2.32
C ILE A 60 6.01 -3.33 -0.96
N ILE A 61 5.61 -2.63 0.09
CA ILE A 61 6.13 -2.94 1.42
C ILE A 61 5.04 -3.58 2.27
N VAL A 62 5.29 -4.82 2.69
CA VAL A 62 4.31 -5.61 3.43
C VAL A 62 4.90 -6.21 4.71
N ASP A 63 4.08 -6.35 5.75
CA ASP A 63 4.54 -6.96 6.99
C ASP A 63 3.96 -8.37 7.16
N ASN A 64 3.50 -8.97 6.07
CA ASN A 64 2.81 -10.27 6.13
C ASN A 64 2.72 -10.91 4.74
N THR A 65 2.30 -12.16 4.71
CA THR A 65 2.27 -12.90 3.45
C THR A 65 0.87 -13.35 3.02
N ARG A 66 -0.17 -12.75 3.57
CA ARG A 66 -1.54 -13.18 3.23
C ARG A 66 -1.95 -12.88 1.79
N MET A 67 -1.23 -11.96 1.14
CA MET A 67 -1.49 -11.65 -0.27
C MET A 67 -0.52 -12.39 -1.23
N PHE A 68 0.37 -13.22 -0.68
CA PHE A 68 1.26 -14.02 -1.51
C PHE A 68 0.51 -15.25 -2.02
N THR A 69 -0.41 -15.00 -2.94
CA THR A 69 -1.35 -16.00 -3.44
C THR A 69 -0.70 -16.99 -4.41
N LYS A 70 0.40 -16.57 -5.02
CA LYS A 70 1.14 -17.40 -5.97
C LYS A 70 2.57 -17.52 -5.46
N PRO A 71 3.18 -18.71 -5.64
CA PRO A 71 4.56 -18.89 -5.17
C PRO A 71 5.55 -18.04 -5.95
N GLU A 72 5.21 -17.74 -7.20
CA GLU A 72 6.05 -16.88 -8.06
C GLU A 72 6.30 -15.47 -7.50
N TYR A 73 5.40 -15.00 -6.65
CA TYR A 73 5.58 -13.67 -6.02
C TYR A 73 6.82 -13.59 -5.16
N TRP A 74 7.27 -14.73 -4.64
CA TRP A 74 8.49 -14.81 -3.84
C TRP A 74 9.75 -14.46 -4.63
N ASP A 75 9.69 -14.56 -5.96
CA ASP A 75 10.80 -14.13 -6.83
C ASP A 75 11.01 -12.61 -6.84
N ARG A 76 9.97 -11.88 -6.43
CA ARG A 76 10.00 -10.41 -6.46
C ARG A 76 10.44 -9.79 -5.14
N VAL A 77 10.63 -10.61 -4.11
CA VAL A 77 11.09 -10.10 -2.81
C VAL A 77 12.58 -9.78 -2.90
N VAL A 78 12.90 -8.48 -2.86
CA VAL A 78 14.28 -8.03 -3.00
C VAL A 78 14.95 -7.76 -1.66
N ALA A 79 14.15 -7.61 -0.60
CA ALA A 79 14.72 -7.37 0.73
C ALA A 79 13.80 -7.82 1.84
N ILE A 80 14.41 -8.26 2.93
CA ILE A 80 13.70 -8.61 4.14
C ILE A 80 14.32 -7.88 5.31
N PHE A 81 13.50 -7.10 6.02
CA PHE A 81 13.91 -6.41 7.25
C PHE A 81 13.58 -7.31 8.42
N THR A 82 14.56 -7.57 9.27
CA THR A 82 14.35 -8.49 10.39
C THR A 82 14.69 -7.85 11.73
N THR A 83 13.99 -8.30 12.76
CA THR A 83 14.26 -7.90 14.14
C THR A 83 15.01 -8.98 14.88
N GLY A 84 15.14 -10.14 14.24
CA GLY A 84 15.84 -11.27 14.83
C GLY A 84 14.96 -12.28 15.54
N HIS A 85 13.67 -12.30 15.19
CA HIS A 85 12.74 -13.33 15.67
C HIS A 85 12.46 -14.25 14.49
N THR A 86 12.89 -15.52 14.57
CA THR A 86 12.63 -16.47 13.47
C THR A 86 11.16 -16.69 13.19
N TRP A 87 10.32 -16.46 14.20
CA TRP A 87 8.86 -16.60 14.06
C TRP A 87 8.28 -15.67 12.99
N GLN A 88 8.97 -14.55 12.74
CA GLN A 88 8.65 -13.63 11.63
C GLN A 88 8.57 -14.40 10.33
N PHE A 89 9.46 -15.38 10.16
CA PHE A 89 9.61 -16.12 8.91
C PHE A 89 8.72 -17.35 8.83
N ASN A 90 7.96 -17.62 9.89
CA ASN A 90 7.20 -18.87 10.00
C ASN A 90 6.34 -19.20 8.78
N ASN A 91 5.66 -18.19 8.25
CA ASN A 91 4.79 -18.39 7.09
C ASN A 91 5.39 -17.97 5.75
N TYR A 92 6.69 -17.69 5.74
CA TYR A 92 7.41 -17.39 4.50
C TYR A 92 7.63 -18.67 3.69
N GLN A 93 7.85 -18.51 2.39
CA GLN A 93 8.22 -19.60 1.49
C GLN A 93 9.42 -20.38 2.04
N TRP A 94 10.39 -19.65 2.58
CA TRP A 94 11.57 -20.25 3.19
C TRP A 94 11.58 -19.80 4.64
N ASN A 95 11.30 -20.72 5.55
CA ASN A 95 11.07 -20.37 6.96
C ASN A 95 12.29 -20.43 7.88
N SER A 96 13.39 -20.99 7.38
CA SER A 96 14.65 -20.96 8.13
C SER A 96 15.53 -19.80 7.61
N PRO A 97 16.18 -19.07 8.52
CA PRO A 97 17.03 -17.95 8.12
C PRO A 97 18.16 -18.34 7.16
N GLN A 98 18.79 -19.50 7.39
CA GLN A 98 19.84 -20.00 6.49
C GLN A 98 19.38 -20.00 5.02
N GLU A 99 18.26 -20.66 4.75
CA GLU A 99 17.71 -20.74 3.39
C GLU A 99 17.17 -19.39 2.90
N LEU A 100 16.42 -18.71 3.76
CA LEU A 100 15.76 -17.46 3.39
C LEU A 100 16.74 -16.39 2.95
N PHE A 101 17.82 -16.24 3.71
CA PHE A 101 18.78 -15.17 3.43
C PHE A 101 19.80 -15.52 2.36
N GLN A 102 19.81 -16.79 1.93
CA GLN A 102 20.51 -17.15 0.69
C GLN A 102 19.64 -16.75 -0.52
N ARG A 103 18.33 -16.66 -0.31
CA ARG A 103 17.39 -16.37 -1.39
C ARG A 103 17.04 -14.89 -1.53
N CYS A 104 16.91 -14.21 -0.39
CA CYS A 104 16.59 -12.77 -0.36
C CYS A 104 17.62 -12.05 0.50
N LYS A 105 17.90 -10.80 0.15
CA LYS A 105 18.82 -9.98 0.91
C LYS A 105 18.16 -9.59 2.24
N GLY A 106 18.86 -9.85 3.33
CA GLY A 106 18.36 -9.50 4.66
C GLY A 106 19.04 -8.29 5.30
N TYR A 107 18.23 -7.48 5.97
CA TYR A 107 18.69 -6.32 6.74
C TYR A 107 18.25 -6.41 8.21
N TYR A 108 19.20 -6.18 9.13
CA TYR A 108 18.92 -6.11 10.56
C TYR A 108 19.17 -4.69 11.06
N PHE A 109 18.10 -4.01 11.42
CA PHE A 109 18.17 -2.65 11.91
C PHE A 109 18.14 -2.67 13.42
N HIS A 110 19.08 -1.97 14.06
CA HIS A 110 19.10 -1.84 15.51
C HIS A 110 19.77 -0.54 15.90
N PHE A 111 19.74 -0.22 17.19
CA PHE A 111 20.41 0.96 17.73
C PHE A 111 21.82 0.63 18.23
N ALA A 112 22.75 1.54 17.95
CA ALA A 112 24.11 1.46 18.47
C ALA A 112 24.06 1.36 19.99
N GLY A 113 24.87 0.47 20.55
CA GLY A 113 24.88 0.26 22.00
C GLY A 113 23.99 -0.90 22.45
N ASP A 114 23.03 -1.28 21.63
CA ASP A 114 22.25 -2.49 21.88
C ASP A 114 22.96 -3.67 21.24
N SER A 115 23.31 -4.65 22.08
CA SER A 115 23.93 -5.88 21.61
C SER A 115 23.07 -6.55 20.56
N VAL A 116 23.71 -7.01 19.49
CA VAL A 116 23.03 -7.85 18.53
C VAL A 116 23.02 -9.30 19.02
N PRO A 117 21.82 -9.92 19.08
CA PRO A 117 21.70 -11.27 19.62
C PRO A 117 22.61 -12.27 18.92
N GLN A 118 23.15 -13.20 19.69
CA GLN A 118 24.02 -14.27 19.18
C GLN A 118 23.57 -14.78 17.82
N HIS A 119 22.35 -15.33 17.77
CA HIS A 119 21.80 -15.93 16.55
C HIS A 119 21.74 -14.98 15.35
N VAL A 120 21.60 -13.69 15.61
CA VAL A 120 21.52 -12.70 14.53
C VAL A 120 22.88 -12.49 13.87
N GLN A 121 23.94 -12.52 14.68
CA GLN A 121 25.31 -12.40 14.16
C GLN A 121 25.66 -13.51 13.18
N GLN A 122 25.14 -14.71 13.44
CA GLN A 122 25.36 -15.86 12.58
C GLN A 122 24.58 -15.76 11.27
N TRP A 123 23.45 -15.06 11.29
CA TRP A 123 22.60 -14.89 10.11
C TRP A 123 23.30 -14.13 9.00
N ASN A 124 23.01 -14.52 7.76
CA ASN A 124 23.50 -13.79 6.60
C ASN A 124 22.66 -12.53 6.36
N VAL A 125 22.73 -11.58 7.29
CA VAL A 125 21.97 -10.33 7.20
C VAL A 125 22.91 -9.15 7.34
N GLU A 126 22.61 -8.07 6.64
CA GLU A 126 23.38 -6.84 6.76
C GLU A 126 22.85 -6.05 7.96
N LYS A 127 23.73 -5.80 8.93
CA LYS A 127 23.35 -5.06 10.14
C LYS A 127 23.44 -3.57 9.85
N VAL A 128 22.38 -2.85 10.21
CA VAL A 128 22.33 -1.40 10.00
C VAL A 128 22.05 -0.66 11.32
N GLU A 129 22.97 0.23 11.67
CA GLU A 129 23.02 0.83 12.99
C GLU A 129 22.41 2.22 13.01
N LEU A 130 21.39 2.40 13.85
CA LEU A 130 20.81 3.71 14.10
C LEU A 130 21.39 4.30 15.38
N ASP A 131 21.40 5.62 15.46
CA ASP A 131 21.86 6.31 16.66
C ASP A 131 20.70 6.49 17.62
N LYS A 132 20.92 6.18 18.89
CA LYS A 132 19.87 6.29 19.90
C LYS A 132 19.36 7.73 20.04
N ASN A 133 20.27 8.69 19.97
CA ASN A 133 19.94 10.07 20.36
C ASN A 133 20.09 11.14 19.28
N LYS A 134 20.92 10.87 18.27
CA LYS A 134 21.23 11.87 17.26
C LYS A 134 20.46 11.56 15.98
N ARG A 135 19.27 12.14 15.88
CA ARG A 135 18.35 11.79 14.80
C ARG A 135 18.89 12.23 13.43
N PHE A 136 19.78 13.23 13.41
CA PHE A 136 20.36 13.71 12.16
C PHE A 136 21.23 12.66 11.46
N LYS A 137 21.75 11.70 12.23
CA LYS A 137 22.53 10.57 11.70
C LYS A 137 21.71 9.66 10.80
N ASP A 138 20.39 9.76 10.88
CA ASP A 138 19.51 8.96 10.01
C ASP A 138 19.72 9.25 8.54
N VAL A 139 20.10 10.49 8.22
CA VAL A 139 20.23 10.90 6.82
C VAL A 139 21.29 10.05 6.09
N GLU A 140 22.44 9.92 6.74
CA GLU A 140 23.54 9.08 6.25
C GLU A 140 23.16 7.60 6.24
N VAL A 141 22.52 7.12 7.32
CA VAL A 141 22.05 5.72 7.40
C VAL A 141 21.12 5.37 6.21
N VAL A 142 20.14 6.23 5.95
CA VAL A 142 19.19 5.99 4.85
C VAL A 142 19.85 6.05 3.46
N ARG A 143 20.80 6.98 3.26
CA ARG A 143 21.58 7.02 2.01
C ARG A 143 22.34 5.72 1.82
N TYR A 144 22.97 5.25 2.88
CA TYR A 144 23.70 3.99 2.83
C TYR A 144 22.76 2.84 2.50
N PHE A 145 21.58 2.82 3.15
CA PHE A 145 20.62 1.74 2.87
C PHE A 145 20.25 1.68 1.39
N TRP A 146 19.94 2.84 0.80
CA TRP A 146 19.48 2.88 -0.59
C TRP A 146 20.59 2.53 -1.59
N HIS A 147 21.84 2.90 -1.27
N HIS A 147 21.83 2.90 -1.26
CA HIS A 147 22.98 2.50 -2.09
CA HIS A 147 23.01 2.53 -2.03
C HIS A 147 23.14 0.99 -2.05
C HIS A 147 23.14 1.00 -2.04
N SER A 148 22.94 0.40 -0.87
CA SER A 148 23.02 -1.05 -0.71
C SER A 148 21.91 -1.75 -1.50
N LEU A 149 20.68 -1.27 -1.34
CA LEU A 149 19.54 -1.86 -2.04
C LEU A 149 19.65 -1.68 -3.56
N GLU A 150 20.19 -0.55 -4.00
CA GLU A 150 20.39 -0.28 -5.42
C GLU A 150 21.26 -1.37 -6.09
N LYS A 151 22.37 -1.75 -5.45
CA LYS A 151 23.24 -2.82 -5.95
C LYS A 151 22.46 -4.13 -6.11
N GLU A 152 21.63 -4.43 -5.11
CA GLU A 152 20.74 -5.59 -5.12
C GLU A 152 19.74 -5.54 -6.29
N LEU A 153 19.10 -4.38 -6.51
CA LEU A 153 18.20 -4.24 -7.65
C LEU A 153 18.89 -4.43 -9.00
N ILE A 154 20.07 -3.82 -9.15
CA ILE A 154 20.85 -3.91 -10.39
C ILE A 154 21.26 -5.36 -10.68
N SER A 155 21.69 -6.07 -9.64
CA SER A 155 21.99 -7.49 -9.70
C SER A 155 20.81 -8.36 -10.13
N ARG A 156 19.60 -7.95 -9.72
CA ARG A 156 18.39 -8.70 -10.03
C ARG A 156 17.76 -8.32 -11.38
N GLY A 157 18.41 -7.43 -12.12
CA GLY A 157 17.96 -7.07 -13.46
C GLY A 157 17.04 -5.87 -13.60
N TYR A 158 16.95 -5.05 -12.56
CA TYR A 158 16.01 -3.91 -12.56
C TYR A 158 16.43 -2.70 -13.40
N ARG A 159 17.55 -2.82 -14.11
CA ARG A 159 17.93 -1.84 -15.13
C ARG A 159 17.59 -2.34 -16.54
N ASP B 3 -27.32 -3.78 -0.79
CA ASP B 3 -26.52 -2.51 -0.73
C ASP B 3 -25.23 -2.60 -1.54
N PRO B 4 -25.04 -1.70 -2.51
CA PRO B 4 -23.83 -1.67 -3.33
C PRO B 4 -22.56 -1.38 -2.54
N ILE B 5 -21.44 -1.92 -3.03
CA ILE B 5 -20.15 -1.83 -2.38
C ILE B 5 -19.16 -1.04 -3.24
N ILE B 6 -18.43 -0.14 -2.59
CA ILE B 6 -17.27 0.49 -3.19
C ILE B 6 -16.06 -0.13 -2.51
N LEU B 7 -15.20 -0.73 -3.33
CA LEU B 7 -14.04 -1.43 -2.81
C LEU B 7 -12.83 -0.56 -3.08
N ILE B 8 -12.06 -0.29 -2.03
CA ILE B 8 -10.92 0.62 -2.12
C ILE B 8 -9.63 -0.11 -1.69
N PRO B 9 -8.45 0.47 -1.98
CA PRO B 9 -7.18 -0.21 -1.68
C PRO B 9 -6.96 -0.40 -0.19
N SER B 10 -6.22 -1.43 0.18
CA SER B 10 -5.88 -1.63 1.58
C SER B 10 -4.62 -0.85 1.97
N ALA B 11 -3.81 -0.47 0.98
CA ALA B 11 -2.54 0.24 1.25
C ALA B 11 -2.73 1.48 2.12
N ALA B 12 -1.84 1.66 3.10
CA ALA B 12 -1.88 2.84 3.96
C ALA B 12 -1.62 4.12 3.16
N SER B 13 -0.91 3.97 2.05
CA SER B 13 -0.49 5.10 1.20
C SER B 13 -1.53 5.49 0.14
N SER B 14 -2.66 4.79 0.08
CA SER B 14 -3.74 5.11 -0.87
C SER B 14 -4.23 6.55 -0.63
N ILE B 15 -4.40 7.31 -1.71
CA ILE B 15 -4.89 8.69 -1.59
C ILE B 15 -6.17 8.72 -0.74
N LEU B 16 -7.09 7.82 -1.07
CA LEU B 16 -8.33 7.68 -0.32
C LEU B 16 -8.28 6.39 0.51
N THR B 17 -8.62 6.51 1.79
CA THR B 17 -8.65 5.37 2.71
C THR B 17 -10.02 5.36 3.40
N VAL B 18 -10.31 4.35 4.21
CA VAL B 18 -11.58 4.34 4.92
C VAL B 18 -11.68 5.51 5.92
N ALA B 19 -10.53 5.94 6.45
CA ALA B 19 -10.47 7.03 7.42
C ALA B 19 -10.83 8.40 6.87
N ASN B 20 -10.51 8.65 5.59
CA ASN B 20 -10.76 9.97 4.96
C ASN B 20 -11.80 9.96 3.84
N ILE B 21 -12.40 8.79 3.57
CA ILE B 21 -13.31 8.64 2.44
C ILE B 21 -14.61 9.47 2.56
N LYS B 22 -15.16 9.56 3.76
CA LYS B 22 -16.38 10.34 3.97
C LYS B 22 -16.13 11.84 3.82
N GLN B 23 -15.01 12.33 4.38
CA GLN B 23 -14.65 13.74 4.26
C GLN B 23 -14.67 14.14 2.79
N PHE B 24 -14.14 13.25 1.94
CA PHE B 24 -14.09 13.44 0.49
C PHE B 24 -15.47 13.25 -0.17
N LEU B 25 -16.04 12.06 -0.10
CA LEU B 25 -17.28 11.75 -0.87
C LEU B 25 -18.55 12.42 -0.35
N LEU B 26 -18.64 12.62 0.97
CA LEU B 26 -19.80 13.30 1.54
C LEU B 26 -19.62 14.80 1.69
N GLU B 27 -18.47 15.22 2.22
CA GLU B 27 -18.22 16.61 2.60
C GLU B 27 -17.38 17.39 1.59
N SER B 28 -16.94 16.72 0.53
CA SER B 28 -16.23 17.35 -0.61
C SER B 28 -14.92 18.06 -0.25
N LYS B 29 -14.13 17.44 0.62
CA LYS B 29 -12.79 17.94 0.89
C LYS B 29 -11.84 16.78 1.05
N TYR B 30 -10.74 16.80 0.30
CA TYR B 30 -9.67 15.86 0.53
C TYR B 30 -8.99 16.19 1.86
N VAL B 31 -8.83 15.18 2.69
CA VAL B 31 -8.18 15.33 3.98
C VAL B 31 -7.13 14.23 4.10
N ASN B 32 -5.88 14.60 4.28
CA ASN B 32 -4.81 13.63 4.54
C ASN B 32 -5.18 12.77 5.76
N PRO B 33 -5.08 11.44 5.62
CA PRO B 33 -5.60 10.56 6.67
C PRO B 33 -4.76 10.49 7.95
N ARG B 34 -3.56 11.06 7.92
CA ARG B 34 -2.66 11.08 9.09
C ARG B 34 -3.38 11.44 10.39
N ASN B 35 -3.19 10.58 11.39
CA ASN B 35 -3.79 10.72 12.72
C ASN B 35 -5.32 10.65 12.85
N LEU B 36 -6.00 10.36 11.76
CA LEU B 36 -7.41 10.01 11.87
C LEU B 36 -7.51 8.65 12.59
N PRO B 37 -8.51 8.49 13.47
CA PRO B 37 -8.70 7.19 14.12
C PRO B 37 -8.95 6.10 13.07
N SER B 38 -8.19 5.01 13.16
CA SER B 38 -8.45 3.86 12.29
C SER B 38 -9.88 3.36 12.47
N VAL B 39 -10.45 2.80 11.41
CA VAL B 39 -11.78 2.24 11.49
C VAL B 39 -11.68 0.71 11.55
N PRO B 40 -12.06 0.13 12.71
CA PRO B 40 -11.67 -1.21 13.18
C PRO B 40 -11.94 -2.40 12.23
N ASN B 41 -12.81 -2.23 11.24
CA ASN B 41 -12.95 -3.28 10.22
C ASN B 41 -12.72 -2.80 8.78
N GLY B 42 -12.17 -1.60 8.64
CA GLY B 42 -12.00 -0.97 7.34
C GLY B 42 -13.32 -0.94 6.61
N LEU B 43 -14.37 -0.58 7.35
CA LEU B 43 -15.72 -0.61 6.84
C LEU B 43 -16.46 0.67 7.22
N VAL B 44 -16.97 1.37 6.21
CA VAL B 44 -17.72 2.61 6.42
C VAL B 44 -19.05 2.59 5.61
N ASN B 45 -20.06 3.29 6.11
CA ASN B 45 -21.36 3.38 5.44
C ASN B 45 -21.63 4.81 5.01
N ILE B 46 -22.03 5.00 3.76
CA ILE B 46 -22.50 6.32 3.31
C ILE B 46 -23.84 6.25 2.55
N GLU B 47 -24.65 7.27 2.72
CA GLU B 47 -25.92 7.36 2.01
C GLU B 47 -25.87 8.50 1.01
N LYS B 48 -26.34 8.23 -0.21
CA LYS B 48 -26.39 9.24 -1.24
C LYS B 48 -27.74 9.26 -1.95
N ASN B 49 -28.25 10.45 -2.22
CA ASN B 49 -29.43 10.63 -3.06
C ASN B 49 -29.02 10.99 -4.47
N PHE B 50 -29.68 10.37 -5.44
CA PHE B 50 -29.37 10.62 -6.85
C PHE B 50 -30.55 11.25 -7.56
N GLU B 51 -30.27 12.03 -8.60
CA GLU B 51 -31.30 12.69 -9.40
C GLU B 51 -32.07 11.69 -10.25
N ARG B 52 -31.37 10.70 -10.80
CA ARG B 52 -31.98 9.73 -11.72
C ARG B 52 -32.38 8.41 -11.05
N ILE B 53 -32.27 8.36 -9.72
CA ILE B 53 -32.70 7.19 -8.94
C ILE B 53 -33.64 7.62 -7.81
N SER B 54 -34.77 6.93 -7.70
CA SER B 54 -35.85 7.32 -6.79
C SER B 54 -35.44 7.25 -5.32
N ARG B 55 -35.02 6.07 -4.88
CA ARG B 55 -34.66 5.83 -3.48
C ARG B 55 -33.24 6.32 -3.16
N PRO B 56 -32.98 6.71 -1.89
CA PRO B 56 -31.60 6.95 -1.49
C PRO B 56 -30.81 5.64 -1.49
N ILE B 57 -29.55 5.70 -1.90
CA ILE B 57 -28.71 4.52 -2.01
C ILE B 57 -27.68 4.51 -0.86
N ARG B 58 -27.65 3.41 -0.13
CA ARG B 58 -26.66 3.22 0.94
C ARG B 58 -25.50 2.36 0.43
N PHE B 59 -24.29 2.94 0.47
CA PHE B 59 -23.08 2.27 0.02
C PHE B 59 -22.31 1.70 1.20
N ILE B 60 -21.75 0.52 0.99
CA ILE B 60 -20.76 -0.04 1.88
C ILE B 60 -19.41 0.20 1.24
N ILE B 61 -18.53 0.87 1.97
CA ILE B 61 -17.17 1.13 1.49
C ILE B 61 -16.19 0.32 2.35
N VAL B 62 -15.45 -0.59 1.71
CA VAL B 62 -14.49 -1.46 2.40
C VAL B 62 -13.11 -1.39 1.77
N ASP B 63 -12.08 -1.45 2.60
CA ASP B 63 -10.70 -1.44 2.11
C ASP B 63 -10.08 -2.85 2.07
N ASN B 64 -10.90 -3.88 1.88
CA ASN B 64 -10.44 -5.27 2.00
C ASN B 64 -11.53 -6.26 1.54
N THR B 65 -11.15 -7.52 1.36
CA THR B 65 -12.03 -8.52 0.75
C THR B 65 -12.46 -9.65 1.68
N ARG B 66 -12.35 -9.41 2.99
CA ARG B 66 -12.71 -10.41 4.00
C ARG B 66 -14.18 -10.82 3.97
N MET B 67 -15.07 -9.87 3.65
CA MET B 67 -16.51 -10.14 3.53
C MET B 67 -16.90 -11.01 2.32
N PHE B 68 -16.03 -11.11 1.33
CA PHE B 68 -16.35 -11.84 0.10
C PHE B 68 -16.15 -13.34 0.24
N THR B 69 -16.97 -13.94 1.09
CA THR B 69 -16.83 -15.33 1.48
C THR B 69 -17.53 -16.27 0.49
N LYS B 70 -18.36 -15.67 -0.36
CA LYS B 70 -18.98 -16.37 -1.48
C LYS B 70 -18.83 -15.48 -2.72
N PRO B 71 -18.59 -16.11 -3.90
CA PRO B 71 -18.42 -15.40 -5.17
C PRO B 71 -19.52 -14.40 -5.52
N GLU B 72 -20.75 -14.67 -5.08
CA GLU B 72 -21.90 -13.83 -5.44
C GLU B 72 -21.95 -12.51 -4.71
N TYR B 73 -21.11 -12.35 -3.68
CA TYR B 73 -21.00 -11.06 -3.01
C TYR B 73 -20.28 -10.03 -3.89
N TRP B 74 -19.45 -10.52 -4.81
CA TRP B 74 -18.80 -9.66 -5.83
C TRP B 74 -19.78 -8.95 -6.76
N ASP B 75 -20.98 -9.49 -6.90
CA ASP B 75 -22.02 -8.87 -7.74
C ASP B 75 -22.38 -7.45 -7.27
N ARG B 76 -22.13 -7.20 -5.99
CA ARG B 76 -22.52 -5.94 -5.36
C ARG B 76 -21.49 -4.83 -5.55
N VAL B 77 -20.27 -5.20 -5.95
CA VAL B 77 -19.19 -4.21 -6.10
C VAL B 77 -19.44 -3.39 -7.34
N VAL B 78 -19.80 -2.12 -7.12
CA VAL B 78 -20.13 -1.18 -8.20
C VAL B 78 -18.94 -0.32 -8.63
N ALA B 79 -17.91 -0.24 -7.78
CA ALA B 79 -16.73 0.54 -8.10
C ALA B 79 -15.52 0.05 -7.33
N ILE B 80 -14.37 0.10 -8.00
CA ILE B 80 -13.10 -0.22 -7.38
C ILE B 80 -12.16 0.98 -7.53
N PHE B 81 -11.61 1.43 -6.42
CA PHE B 81 -10.62 2.51 -6.42
C PHE B 81 -9.27 1.83 -6.42
N THR B 82 -8.33 2.37 -7.18
CA THR B 82 -7.06 1.67 -7.38
C THR B 82 -5.83 2.55 -7.16
N THR B 83 -4.76 1.96 -6.64
CA THR B 83 -3.49 2.66 -6.44
C THR B 83 -2.61 2.58 -7.70
N GLY B 84 -2.97 1.71 -8.63
CA GLY B 84 -2.15 1.46 -9.80
C GLY B 84 -1.13 0.36 -9.57
N HIS B 85 -1.37 -0.50 -8.59
CA HIS B 85 -0.54 -1.67 -8.34
C HIS B 85 -1.40 -2.91 -8.53
N THR B 86 -0.99 -3.81 -9.41
CA THR B 86 -1.75 -5.05 -9.64
C THR B 86 -1.78 -5.91 -8.38
N TRP B 87 -0.81 -5.67 -7.49
CA TRP B 87 -0.75 -6.30 -6.16
C TRP B 87 -2.08 -6.19 -5.40
N GLN B 88 -2.77 -5.06 -5.54
CA GLN B 88 -4.05 -4.83 -4.88
C GLN B 88 -5.08 -5.92 -5.20
N PHE B 89 -4.98 -6.49 -6.40
CA PHE B 89 -6.01 -7.41 -6.91
C PHE B 89 -5.69 -8.89 -6.62
N ASN B 90 -4.61 -9.16 -5.90
CA ASN B 90 -4.18 -10.53 -5.67
C ASN B 90 -5.29 -11.48 -5.22
N ASN B 91 -6.18 -10.98 -4.36
CA ASN B 91 -7.26 -11.79 -3.83
C ASN B 91 -8.65 -11.41 -4.34
N TYR B 92 -8.70 -10.60 -5.40
CA TYR B 92 -9.98 -10.22 -5.97
C TYR B 92 -10.52 -11.40 -6.77
N GLN B 93 -11.80 -11.35 -7.13
CA GLN B 93 -12.44 -12.41 -7.91
C GLN B 93 -11.75 -12.54 -9.26
N TRP B 94 -11.26 -11.43 -9.78
CA TRP B 94 -10.51 -11.39 -11.02
C TRP B 94 -9.18 -10.67 -10.74
N ASN B 95 -8.08 -11.38 -10.99
CA ASN B 95 -6.72 -10.93 -10.64
C ASN B 95 -6.10 -9.97 -11.63
N SER B 96 -6.46 -10.09 -12.90
CA SER B 96 -5.87 -9.27 -13.95
C SER B 96 -6.70 -8.01 -14.16
N PRO B 97 -6.02 -6.85 -14.29
CA PRO B 97 -6.69 -5.59 -14.60
C PRO B 97 -7.60 -5.66 -15.82
N GLN B 98 -7.21 -6.45 -16.83
CA GLN B 98 -8.02 -6.57 -18.06
C GLN B 98 -9.39 -7.18 -17.77
N GLU B 99 -9.41 -8.31 -17.05
CA GLU B 99 -10.66 -8.96 -16.70
C GLU B 99 -11.41 -8.18 -15.61
N LEU B 100 -10.69 -7.73 -14.59
CA LEU B 100 -11.30 -7.01 -13.47
C LEU B 100 -12.16 -5.82 -13.93
N PHE B 101 -11.59 -4.96 -14.76
CA PHE B 101 -12.25 -3.73 -15.16
C PHE B 101 -13.19 -3.85 -16.37
N GLN B 102 -13.39 -5.09 -16.85
CA GLN B 102 -14.52 -5.39 -17.71
C GLN B 102 -15.74 -5.75 -16.84
N ARG B 103 -15.46 -6.30 -15.66
CA ARG B 103 -16.51 -6.74 -14.73
C ARG B 103 -17.01 -5.66 -13.76
N CYS B 104 -16.12 -4.75 -13.36
CA CYS B 104 -16.47 -3.66 -12.46
C CYS B 104 -15.84 -2.34 -12.91
N LYS B 105 -16.51 -1.23 -12.62
CA LYS B 105 -15.99 0.10 -12.88
C LYS B 105 -14.75 0.38 -12.02
N GLY B 106 -13.73 0.99 -12.63
CA GLY B 106 -12.50 1.33 -11.93
C GLY B 106 -12.22 2.82 -11.89
N TYR B 107 -11.68 3.28 -10.77
CA TYR B 107 -11.25 4.67 -10.62
C TYR B 107 -9.80 4.75 -10.14
N TYR B 108 -9.04 5.65 -10.74
CA TYR B 108 -7.67 5.91 -10.31
C TYR B 108 -7.57 7.38 -9.93
N PHE B 109 -7.46 7.63 -8.62
CA PHE B 109 -7.31 8.99 -8.10
C PHE B 109 -5.84 9.34 -7.97
N HIS B 110 -5.48 10.55 -8.37
CA HIS B 110 -4.11 11.01 -8.27
C HIS B 110 -4.04 12.53 -8.15
N PHE B 111 -2.90 13.03 -7.71
CA PHE B 111 -2.71 14.48 -7.61
C PHE B 111 -2.13 15.04 -8.90
N ALA B 112 -2.58 16.24 -9.27
CA ALA B 112 -2.05 16.96 -10.41
C ALA B 112 -0.56 17.25 -10.21
N GLY B 113 0.23 16.95 -11.23
CA GLY B 113 1.69 17.08 -11.15
C GLY B 113 2.37 15.74 -10.90
N ASP B 114 1.59 14.77 -10.41
CA ASP B 114 2.05 13.40 -10.29
C ASP B 114 1.67 12.63 -11.55
N SER B 115 2.69 12.11 -12.24
CA SER B 115 2.48 11.36 -13.48
C SER B 115 1.74 10.05 -13.23
N VAL B 116 0.76 9.76 -14.09
CA VAL B 116 0.07 8.47 -14.08
C VAL B 116 0.88 7.41 -14.85
N PRO B 117 1.29 6.32 -14.16
CA PRO B 117 2.13 5.29 -14.76
C PRO B 117 1.56 4.74 -16.08
N GLN B 118 2.45 4.41 -17.01
CA GLN B 118 2.08 3.96 -18.35
C GLN B 118 1.02 2.84 -18.36
N HIS B 119 1.23 1.79 -17.57
CA HIS B 119 0.29 0.67 -17.51
C HIS B 119 -1.10 1.10 -17.02
N VAL B 120 -1.16 2.06 -16.11
CA VAL B 120 -2.42 2.58 -15.58
C VAL B 120 -3.19 3.37 -16.65
N GLN B 121 -2.46 4.07 -17.51
CA GLN B 121 -3.06 4.77 -18.64
C GLN B 121 -3.76 3.78 -19.58
N GLN B 122 -3.12 2.64 -19.80
CA GLN B 122 -3.69 1.55 -20.60
C GLN B 122 -4.91 0.89 -19.94
N TRP B 123 -4.93 0.88 -18.61
CA TRP B 123 -6.01 0.24 -17.85
C TRP B 123 -7.36 0.89 -18.13
N ASN B 124 -8.40 0.07 -18.15
CA ASN B 124 -9.77 0.57 -18.30
C ASN B 124 -10.29 1.15 -16.98
N VAL B 125 -9.67 2.24 -16.55
CA VAL B 125 -10.06 2.91 -15.32
C VAL B 125 -10.21 4.39 -15.57
N GLU B 126 -11.17 5.01 -14.89
CA GLU B 126 -11.37 6.45 -15.01
C GLU B 126 -10.40 7.19 -14.09
N LYS B 127 -9.60 8.06 -14.68
CA LYS B 127 -8.63 8.86 -13.93
C LYS B 127 -9.30 10.11 -13.34
N VAL B 128 -9.07 10.34 -12.06
CA VAL B 128 -9.59 11.52 -11.40
C VAL B 128 -8.47 12.29 -10.73
N GLU B 129 -8.28 13.53 -11.20
CA GLU B 129 -7.19 14.38 -10.77
C GLU B 129 -7.61 15.26 -9.59
N LEU B 130 -6.77 15.30 -8.55
CA LEU B 130 -6.99 16.19 -7.41
C LEU B 130 -5.89 17.24 -7.35
N ASP B 131 -6.27 18.48 -7.04
CA ASP B 131 -5.31 19.57 -6.91
C ASP B 131 -4.50 19.42 -5.62
N LYS B 132 -3.20 19.71 -5.70
CA LYS B 132 -2.31 19.54 -4.55
C LYS B 132 -2.52 20.55 -3.41
N ASN B 133 -2.97 21.75 -3.75
CA ASN B 133 -3.07 22.83 -2.77
C ASN B 133 -4.48 23.41 -2.61
N LYS B 134 -5.21 23.58 -3.72
CA LYS B 134 -6.49 24.28 -3.71
C LYS B 134 -7.67 23.34 -3.50
N ARG B 135 -8.12 23.26 -2.24
CA ARG B 135 -9.19 22.34 -1.85
C ARG B 135 -10.56 22.70 -2.44
N PHE B 136 -10.70 23.96 -2.84
CA PHE B 136 -11.92 24.46 -3.46
C PHE B 136 -12.34 23.58 -4.65
N LYS B 137 -11.34 23.12 -5.40
CA LYS B 137 -11.58 22.27 -6.58
C LYS B 137 -12.19 20.89 -6.26
N ASP B 138 -12.11 20.45 -5.01
CA ASP B 138 -12.70 19.18 -4.58
C ASP B 138 -14.21 19.11 -4.80
N VAL B 139 -14.89 20.26 -4.66
CA VAL B 139 -16.35 20.31 -4.81
C VAL B 139 -16.78 19.80 -6.19
N GLU B 140 -16.15 20.32 -7.24
CA GLU B 140 -16.47 19.91 -8.61
C GLU B 140 -16.07 18.45 -8.87
N VAL B 141 -14.89 18.06 -8.40
CA VAL B 141 -14.40 16.69 -8.58
C VAL B 141 -15.37 15.66 -8.01
N VAL B 142 -15.83 15.89 -6.78
CA VAL B 142 -16.74 14.97 -6.10
C VAL B 142 -18.12 14.91 -6.76
N ARG B 143 -18.59 16.04 -7.29
CA ARG B 143 -19.85 16.10 -8.04
C ARG B 143 -19.74 15.31 -9.34
N TYR B 144 -18.63 15.51 -10.04
CA TYR B 144 -18.31 14.75 -11.23
C TYR B 144 -18.23 13.26 -10.92
N PHE B 145 -17.64 12.90 -9.77
CA PHE B 145 -17.54 11.50 -9.38
C PHE B 145 -18.92 10.85 -9.20
N TRP B 146 -19.80 11.51 -8.44
CA TRP B 146 -21.12 10.95 -8.19
C TRP B 146 -21.96 10.83 -9.46
N HIS B 147 -21.78 11.76 -10.38
CA HIS B 147 -22.43 11.70 -11.69
C HIS B 147 -21.95 10.46 -12.45
N SER B 148 -20.63 10.24 -12.44
CA SER B 148 -20.04 9.06 -13.06
C SER B 148 -20.58 7.76 -12.47
N LEU B 149 -20.60 7.67 -11.13
CA LEU B 149 -21.06 6.48 -10.43
C LEU B 149 -22.55 6.24 -10.65
N GLU B 150 -23.31 7.32 -10.76
CA GLU B 150 -24.73 7.23 -11.08
C GLU B 150 -24.96 6.50 -12.40
N LYS B 151 -24.24 6.91 -13.45
CA LYS B 151 -24.30 6.26 -14.76
C LYS B 151 -24.05 4.76 -14.60
N GLU B 152 -22.97 4.43 -13.92
CA GLU B 152 -22.58 3.05 -13.63
C GLU B 152 -23.66 2.28 -12.89
N LEU B 153 -24.26 2.88 -11.86
CA LEU B 153 -25.35 2.24 -11.10
C LEU B 153 -26.53 1.88 -11.98
N ILE B 154 -27.06 2.87 -12.70
CA ILE B 154 -28.21 2.69 -13.59
C ILE B 154 -28.03 1.48 -14.52
N SER B 155 -26.82 1.34 -15.07
CA SER B 155 -26.50 0.27 -16.02
C SER B 155 -26.18 -1.07 -15.33
N ARG B 156 -25.82 -1.03 -14.04
CA ARG B 156 -25.81 -2.23 -13.21
C ARG B 156 -27.24 -2.55 -12.77
N GLY B 157 -28.20 -1.81 -13.33
CA GLY B 157 -29.61 -2.05 -13.11
C GLY B 157 -30.15 -1.75 -11.73
N TYR B 158 -29.63 -0.69 -11.09
CA TYR B 158 -30.11 -0.29 -9.76
C TYR B 158 -31.48 0.41 -9.77
N ARG B 159 -32.05 0.57 -10.96
CA ARG B 159 -33.42 1.04 -11.11
C ARG B 159 -34.36 -0.15 -11.35
#